data_1F42
#
_entry.id   1F42
#
_cell.length_a   34.0
_cell.length_b   55.0
_cell.length_c   189.2
_cell.angle_alpha   90
_cell.angle_beta   90
_cell.angle_gamma   90
#
_symmetry.space_group_name_H-M   'P 21 21 21'
#
loop_
_entity.id
_entity.type
_entity.pdbx_description
1 polymer 'INTERLEUKIN-12 BETA CHAIN'
2 branched alpha-D-mannopyranose-(1-4)-2-acetamido-2-deoxy-beta-D-glucopyranose-(1-4)-2-acetamido-2-deoxy-beta-D-glucopyranose
3 non-polymer '5-MERCAPTO-2-NITRO-BENZOIC ACID'
4 water water
#
_entity_poly.entity_id   1
_entity_poly.type   'polypeptide(L)'
_entity_poly.pdbx_seq_one_letter_code
;IWELKKDVYVVELDWYPDAPGEMVVLTCDTPEEDGITWTLDQSSEVLGSGKTLTIQVKEFGDAGQYTCHKGGEVLSHSLL
LLHKKEDGIWSTDILKDQKEPKNKTFLRCEAKNYSGRFTCWWLTTISTDLTFSVKSSRGSSDPQGVTCGAATLSAERVRG
DNKEYEYSVECQEDSACPAAEESLPIEVMVDAVHKLKYENYTSSFFIRDIIKPDPPKNLQLKPLKNSRQVEVSWEYPDTW
STPHSYFSLTFCVQVQGKSKREKKDRVFTDKTSATVICRKNASISVRAQDRYYSSSWSEWASVPCS
;
_entity_poly.pdbx_strand_id   A
#
# COMPACT_ATOMS: atom_id res chain seq x y z
N ILE A 1 -16.71 9.81 -19.26
CA ILE A 1 -16.43 8.36 -19.21
C ILE A 1 -15.08 8.04 -19.85
N TRP A 2 -14.30 7.17 -19.20
CA TRP A 2 -13.01 6.72 -19.71
C TRP A 2 -12.76 5.25 -19.42
N GLU A 3 -11.88 4.67 -20.24
CA GLU A 3 -11.54 3.27 -20.15
C GLU A 3 -10.45 3.02 -19.11
N LEU A 4 -10.76 2.18 -18.12
CA LEU A 4 -9.80 1.87 -17.08
C LEU A 4 -8.91 0.75 -17.66
N LYS A 5 -9.56 -0.31 -18.11
CA LYS A 5 -8.92 -1.46 -18.78
C LYS A 5 -9.97 -1.98 -19.80
N LYS A 6 -9.60 -2.94 -20.67
CA LYS A 6 -10.50 -3.50 -21.69
C LYS A 6 -11.91 -3.81 -21.15
N ASP A 7 -12.91 -3.15 -21.75
CA ASP A 7 -14.35 -3.31 -21.42
C ASP A 7 -14.82 -2.82 -20.04
N VAL A 8 -13.94 -2.12 -19.34
CA VAL A 8 -14.25 -1.57 -18.00
C VAL A 8 -14.07 -0.06 -18.09
N TYR A 9 -15.10 0.65 -17.65
CA TYR A 9 -15.11 2.11 -17.72
C TYR A 9 -15.51 2.74 -16.41
N VAL A 10 -14.98 3.94 -16.21
CA VAL A 10 -15.23 4.75 -15.02
C VAL A 10 -15.96 6.01 -15.44
N VAL A 11 -16.99 6.35 -14.66
CA VAL A 11 -17.80 7.54 -14.87
C VAL A 11 -17.63 8.42 -13.61
N GLU A 12 -17.19 9.67 -13.82
CA GLU A 12 -16.97 10.65 -12.75
C GLU A 12 -18.23 11.47 -12.45
N LEU A 13 -18.76 11.26 -11.26
CA LEU A 13 -19.99 11.89 -10.80
C LEU A 13 -19.86 12.79 -9.59
N ASP A 14 -20.52 13.95 -9.62
CA ASP A 14 -20.54 14.85 -8.46
C ASP A 14 -21.60 14.19 -7.58
N TRP A 15 -21.18 13.76 -6.39
CA TRP A 15 -22.06 13.04 -5.50
C TRP A 15 -22.96 13.82 -4.54
N TYR A 16 -24.23 13.89 -4.90
CA TYR A 16 -25.33 14.53 -4.14
C TYR A 16 -26.71 14.02 -4.67
N PRO A 17 -27.76 13.96 -3.81
CA PRO A 17 -29.10 13.48 -4.25
C PRO A 17 -29.66 14.24 -5.47
N ASP A 18 -30.16 13.46 -6.43
CA ASP A 18 -30.72 13.95 -7.70
C ASP A 18 -29.75 14.73 -8.57
N ALA A 19 -28.50 14.25 -8.60
CA ALA A 19 -27.42 14.85 -9.39
C ALA A 19 -27.76 14.60 -10.86
N PRO A 20 -27.49 15.59 -11.75
CA PRO A 20 -27.78 15.45 -13.20
C PRO A 20 -27.16 14.18 -13.81
N GLY A 21 -25.91 13.92 -13.42
CA GLY A 21 -25.20 12.76 -13.89
C GLY A 21 -24.46 12.96 -15.18
N GLU A 22 -24.34 11.86 -15.91
CA GLU A 22 -23.66 11.88 -17.18
C GLU A 22 -24.47 11.08 -18.18
N MET A 23 -24.64 11.65 -19.37
CA MET A 23 -25.33 10.98 -20.45
C MET A 23 -24.23 10.11 -21.06
N VAL A 24 -24.43 8.80 -20.98
CA VAL A 24 -23.46 7.83 -21.46
C VAL A 24 -24.04 7.03 -22.61
N VAL A 25 -23.27 6.95 -23.69
CA VAL A 25 -23.68 6.18 -24.87
C VAL A 25 -22.77 4.96 -25.02
N LEU A 26 -23.30 3.77 -24.76
CA LEU A 26 -22.52 2.55 -24.93
C LEU A 26 -22.72 1.95 -26.32
N THR A 27 -21.62 1.62 -26.98
CA THR A 27 -21.66 1.01 -28.31
C THR A 27 -21.23 -0.45 -28.13
N CYS A 28 -21.98 -1.37 -28.74
CA CYS A 28 -21.71 -2.82 -28.67
C CYS A 28 -20.55 -3.10 -29.60
N ASP A 29 -19.60 -3.91 -29.11
CA ASP A 29 -18.43 -4.29 -29.88
C ASP A 29 -18.74 -5.59 -30.61
N THR A 30 -19.47 -5.42 -31.71
CA THR A 30 -19.91 -6.50 -32.58
C THR A 30 -20.11 -5.83 -33.96
N PRO A 31 -19.97 -6.59 -35.07
CA PRO A 31 -20.19 -5.91 -36.36
C PRO A 31 -21.62 -6.17 -36.89
N GLU A 32 -22.38 -6.96 -36.12
CA GLU A 32 -23.78 -7.30 -36.42
C GLU A 32 -24.71 -6.12 -36.07
N GLU A 33 -25.69 -5.85 -36.95
CA GLU A 33 -26.62 -4.74 -36.75
C GLU A 33 -28.00 -5.16 -36.30
N ASP A 34 -28.36 -6.40 -36.65
CA ASP A 34 -29.69 -6.94 -36.35
C ASP A 34 -29.86 -7.68 -35.03
N GLY A 35 -31.04 -7.54 -34.45
CA GLY A 35 -31.42 -8.24 -33.23
C GLY A 35 -30.61 -8.08 -31.96
N ILE A 36 -29.97 -6.93 -31.81
CA ILE A 36 -29.18 -6.63 -30.63
C ILE A 36 -30.13 -6.17 -29.52
N THR A 37 -29.97 -6.74 -28.33
CA THR A 37 -30.80 -6.38 -27.17
C THR A 37 -29.86 -5.97 -26.01
N TRP A 38 -30.33 -5.22 -25.03
CA TRP A 38 -29.45 -4.77 -23.94
C TRP A 38 -29.97 -5.05 -22.51
N THR A 39 -29.09 -5.55 -21.62
CA THR A 39 -29.48 -5.84 -20.22
C THR A 39 -28.46 -5.35 -19.16
N LEU A 40 -28.96 -5.06 -17.97
CA LEU A 40 -28.15 -4.62 -16.84
C LEU A 40 -28.08 -5.73 -15.77
N ASP A 41 -26.84 -6.07 -15.40
CA ASP A 41 -26.49 -7.09 -14.42
C ASP A 41 -27.22 -8.44 -14.53
N GLN A 42 -27.98 -8.78 -13.49
CA GLN A 42 -28.72 -10.04 -13.41
C GLN A 42 -30.18 -9.98 -13.92
N SER A 43 -30.70 -8.76 -14.14
CA SER A 43 -32.06 -8.53 -14.62
C SER A 43 -32.25 -8.97 -16.09
N SER A 44 -33.44 -9.51 -16.37
CA SER A 44 -33.80 -10.01 -17.70
C SER A 44 -34.42 -8.91 -18.60
N GLU A 45 -34.84 -7.82 -17.97
CA GLU A 45 -35.49 -6.66 -18.61
C GLU A 45 -34.66 -6.00 -19.73
N VAL A 46 -35.24 -5.99 -20.92
CA VAL A 46 -34.59 -5.34 -22.06
C VAL A 46 -34.71 -3.80 -21.86
N LEU A 47 -33.55 -3.16 -21.86
CA LEU A 47 -33.43 -1.71 -21.72
C LEU A 47 -33.53 -1.00 -23.08
N GLY A 48 -33.18 -1.73 -24.13
CA GLY A 48 -33.25 -1.18 -25.46
C GLY A 48 -32.70 -2.13 -26.46
N SER A 49 -32.78 -1.73 -27.74
CA SER A 49 -32.29 -2.50 -28.89
C SER A 49 -31.49 -1.59 -29.81
N GLY A 50 -30.80 -2.16 -30.78
CA GLY A 50 -29.95 -1.36 -31.63
C GLY A 50 -28.50 -1.54 -31.14
N LYS A 51 -27.54 -1.05 -31.92
CA LYS A 51 -26.11 -1.17 -31.61
C LYS A 51 -25.66 -0.28 -30.45
N THR A 52 -26.42 0.78 -30.23
CA THR A 52 -26.13 1.75 -29.21
C THR A 52 -27.17 1.78 -28.12
N LEU A 53 -26.74 2.12 -26.90
CA LEU A 53 -27.62 2.21 -25.75
C LEU A 53 -27.26 3.50 -25.02
N THR A 54 -28.26 4.30 -24.73
CA THR A 54 -28.04 5.56 -24.04
C THR A 54 -28.66 5.42 -22.68
N ILE A 55 -27.92 5.90 -21.68
CA ILE A 55 -28.36 5.86 -20.29
C ILE A 55 -27.88 7.10 -19.60
N GLN A 56 -28.62 7.50 -18.58
CA GLN A 56 -28.26 8.66 -17.78
C GLN A 56 -27.66 8.05 -16.53
N VAL A 57 -26.34 8.21 -16.36
CA VAL A 57 -25.66 7.66 -15.19
C VAL A 57 -25.67 8.68 -14.09
N LYS A 58 -26.53 8.45 -13.10
CA LYS A 58 -26.64 9.36 -11.98
C LYS A 58 -26.38 8.71 -10.62
N GLU A 59 -26.51 7.40 -10.54
CA GLU A 59 -26.25 6.63 -9.31
C GLU A 59 -25.82 5.18 -9.57
N PHE A 60 -25.47 4.43 -8.50
CA PHE A 60 -24.99 3.03 -8.63
C PHE A 60 -25.93 2.10 -9.36
N GLY A 61 -27.21 2.47 -9.38
CA GLY A 61 -28.25 1.69 -10.06
C GLY A 61 -28.06 1.70 -11.57
N ASP A 62 -27.49 2.79 -12.07
CA ASP A 62 -27.20 2.94 -13.51
C ASP A 62 -25.83 2.37 -13.87
N ALA A 63 -25.03 2.00 -12.87
CA ALA A 63 -23.70 1.42 -13.11
C ALA A 63 -23.85 -0.09 -13.10
N GLY A 64 -22.87 -0.80 -13.64
CA GLY A 64 -22.90 -2.24 -13.64
C GLY A 64 -22.44 -2.88 -14.93
N GLN A 65 -22.73 -4.18 -15.08
CA GLN A 65 -22.37 -4.88 -16.30
C GLN A 65 -23.50 -4.84 -17.34
N TYR A 66 -23.37 -3.89 -18.26
CA TYR A 66 -24.32 -3.75 -19.36
C TYR A 66 -23.93 -4.74 -20.39
N THR A 67 -24.91 -5.52 -20.83
CA THR A 67 -24.63 -6.54 -21.79
C THR A 67 -25.51 -6.45 -23.06
N CYS A 68 -24.87 -6.64 -24.22
CA CYS A 68 -25.58 -6.66 -25.47
C CYS A 68 -25.70 -8.10 -25.98
N HIS A 69 -26.91 -8.49 -26.34
CA HIS A 69 -27.20 -9.84 -26.77
C HIS A 69 -27.77 -9.97 -28.18
N LYS A 70 -27.58 -11.14 -28.79
CA LYS A 70 -28.10 -11.46 -30.12
C LYS A 70 -28.29 -12.97 -30.14
N GLY A 71 -29.54 -13.39 -30.34
CA GLY A 71 -29.88 -14.81 -30.37
C GLY A 71 -29.55 -15.58 -29.09
N GLY A 72 -29.77 -14.92 -27.94
CA GLY A 72 -29.47 -15.50 -26.63
C GLY A 72 -27.99 -15.44 -26.22
N GLU A 73 -27.12 -15.16 -27.19
CA GLU A 73 -25.66 -15.07 -27.01
C GLU A 73 -25.22 -13.71 -26.48
N VAL A 74 -24.10 -13.70 -25.76
CA VAL A 74 -23.53 -12.44 -25.27
C VAL A 74 -22.51 -12.01 -26.36
N LEU A 75 -22.65 -10.76 -26.78
CA LEU A 75 -21.79 -10.17 -27.79
C LEU A 75 -20.66 -9.44 -27.11
N SER A 76 -21.03 -8.50 -26.21
CA SER A 76 -20.08 -7.67 -25.49
C SER A 76 -20.57 -7.21 -24.13
N HIS A 77 -19.59 -6.75 -23.33
CA HIS A 77 -19.84 -6.20 -21.99
C HIS A 77 -19.25 -4.81 -21.89
N SER A 78 -19.91 -3.99 -21.08
CA SER A 78 -19.43 -2.66 -20.76
C SER A 78 -19.70 -2.55 -19.27
N LEU A 79 -18.64 -2.72 -18.49
CA LEU A 79 -18.75 -2.64 -17.05
C LEU A 79 -18.54 -1.19 -16.66
N LEU A 80 -19.57 -0.59 -16.03
CA LEU A 80 -19.50 0.78 -15.57
C LEU A 80 -19.31 0.86 -14.06
N LEU A 81 -18.17 1.43 -13.66
CA LEU A 81 -17.84 1.67 -12.27
C LEU A 81 -17.95 3.18 -12.13
N LEU A 82 -18.28 3.64 -10.93
CA LEU A 82 -18.38 5.05 -10.67
C LEU A 82 -17.29 5.53 -9.74
N HIS A 83 -16.92 6.79 -9.92
CA HIS A 83 -15.94 7.46 -9.10
C HIS A 83 -16.64 8.71 -8.55
N LYS A 84 -17.12 8.58 -7.31
CA LYS A 84 -17.84 9.64 -6.58
C LYS A 84 -16.92 10.79 -6.21
N LYS A 85 -17.40 12.02 -6.43
CA LYS A 85 -16.64 13.23 -6.10
C LYS A 85 -17.54 14.05 -5.20
N GLU A 86 -17.45 13.76 -3.89
CA GLU A 86 -18.25 14.44 -2.85
C GLU A 86 -17.57 15.73 -2.35
N ASP A 87 -18.27 16.85 -2.56
CA ASP A 87 -17.82 18.20 -2.19
C ASP A 87 -16.49 18.68 -2.79
N GLY A 88 -16.19 18.20 -3.99
CA GLY A 88 -14.96 18.57 -4.70
C GLY A 88 -13.77 17.63 -4.52
N ILE A 89 -13.93 16.61 -3.66
CA ILE A 89 -12.88 15.61 -3.36
C ILE A 89 -13.36 14.15 -3.55
N TRP A 90 -12.55 13.36 -4.27
CA TRP A 90 -12.80 11.94 -4.54
C TRP A 90 -12.95 11.11 -3.28
N SER A 91 -13.92 10.22 -3.29
CA SER A 91 -14.20 9.37 -2.13
C SER A 91 -13.03 8.45 -1.78
N THR A 92 -12.97 8.06 -0.51
CA THR A 92 -11.95 7.21 0.06
C THR A 92 -12.59 6.23 1.04
N ASP A 93 -13.67 5.59 0.62
CA ASP A 93 -14.38 4.66 1.48
C ASP A 93 -13.75 3.30 1.67
N ILE A 94 -13.02 2.85 0.64
CA ILE A 94 -12.37 1.55 0.63
C ILE A 94 -11.17 1.40 1.59
N LEU A 95 -10.18 2.30 1.53
CA LEU A 95 -9.03 2.20 2.42
C LEU A 95 -9.10 3.11 3.61
N LYS A 96 -8.62 2.60 4.75
CA LYS A 96 -8.58 3.38 5.99
C LYS A 96 -7.36 4.30 5.93
N ASP A 97 -7.53 5.51 6.48
CA ASP A 97 -6.46 6.51 6.58
C ASP A 97 -5.65 5.98 7.77
N GLN A 98 -4.39 5.65 7.51
CA GLN A 98 -3.50 5.10 8.54
C GLN A 98 -3.03 6.17 9.55
N LYS A 99 -3.23 7.45 9.17
CA LYS A 99 -2.90 8.66 9.94
C LYS A 99 -1.48 8.80 10.50
N GLU A 100 -0.63 7.79 10.25
CA GLU A 100 0.72 7.73 10.78
C GLU A 100 1.71 8.87 10.48
N PRO A 101 2.18 9.05 9.21
CA PRO A 101 3.10 10.20 9.11
C PRO A 101 2.39 11.56 9.25
N LYS A 102 1.43 11.86 8.37
CA LYS A 102 0.70 13.14 8.46
C LYS A 102 -0.62 13.26 7.68
N ASN A 103 -1.65 12.52 8.15
CA ASN A 103 -3.01 12.52 7.57
C ASN A 103 -3.12 12.25 6.06
N LYS A 104 -4.24 11.64 5.64
CA LYS A 104 -4.49 11.31 4.23
C LYS A 104 -3.40 10.41 3.60
N THR A 105 -2.93 9.44 4.41
CA THR A 105 -1.92 8.47 4.02
C THR A 105 -2.64 7.12 3.95
N PHE A 106 -2.93 6.65 2.74
CA PHE A 106 -3.64 5.40 2.62
C PHE A 106 -2.70 4.27 2.24
N LEU A 107 -1.63 4.65 1.58
CA LEU A 107 -0.61 3.72 1.16
C LEU A 107 0.64 3.98 2.00
N ARG A 108 1.14 2.92 2.63
CA ARG A 108 2.34 3.02 3.45
C ARG A 108 3.40 2.13 2.81
N CYS A 109 4.48 2.76 2.35
CA CYS A 109 5.59 2.02 1.76
C CYS A 109 6.84 2.04 2.61
N GLU A 110 7.55 0.91 2.57
CA GLU A 110 8.78 0.72 3.35
C GLU A 110 9.80 -0.15 2.62
N ALA A 111 11.09 0.19 2.78
CA ALA A 111 12.16 -0.63 2.19
C ALA A 111 13.07 -1.07 3.34
N LYS A 112 13.78 -2.18 3.22
CA LYS A 112 14.67 -2.63 4.30
C LYS A 112 16.14 -2.43 3.95
N ASN A 113 16.38 -2.05 2.70
CA ASN A 113 17.72 -1.85 2.15
C ASN A 113 17.56 -0.98 0.87
N TYR A 114 18.65 -0.89 0.09
CA TYR A 114 18.72 -0.09 -1.15
C TYR A 114 18.66 -0.98 -2.39
N SER A 115 18.20 -2.23 -2.27
CA SER A 115 18.15 -3.15 -3.41
C SER A 115 17.22 -2.75 -4.56
N GLY A 116 16.38 -1.75 -4.30
CA GLY A 116 15.38 -1.29 -5.24
C GLY A 116 14.10 -2.02 -4.98
N ARG A 117 14.08 -2.86 -3.94
CA ARG A 117 12.88 -3.63 -3.56
C ARG A 117 12.12 -2.92 -2.42
N PHE A 118 10.79 -2.88 -2.50
CA PHE A 118 9.99 -2.24 -1.45
C PHE A 118 8.66 -2.89 -1.23
N THR A 119 8.05 -2.59 -0.09
CA THR A 119 6.75 -3.17 0.25
C THR A 119 5.73 -2.09 0.62
N CYS A 120 4.54 -2.14 0.02
CA CYS A 120 3.51 -1.15 0.34
C CYS A 120 2.29 -1.83 0.95
N TRP A 121 1.73 -1.21 1.98
CA TRP A 121 0.55 -1.77 2.62
C TRP A 121 -0.63 -0.82 2.84
N TRP A 122 -1.82 -1.41 2.93
CA TRP A 122 -3.02 -0.63 3.16
C TRP A 122 -4.02 -1.47 3.97
N LEU A 123 -4.99 -0.79 4.56
CA LEU A 123 -5.99 -1.43 5.41
C LEU A 123 -7.41 -1.18 4.91
N THR A 124 -8.25 -2.21 5.03
CA THR A 124 -9.63 -2.10 4.63
C THR A 124 -10.56 -2.85 5.60
N THR A 125 -11.84 -2.44 5.59
CA THR A 125 -12.90 -3.06 6.40
C THR A 125 -13.60 -4.11 5.52
N ILE A 126 -13.42 -4.00 4.19
CA ILE A 126 -14.05 -4.89 3.21
C ILE A 126 -13.38 -6.27 3.06
N SER A 127 -14.21 -7.32 3.10
CA SER A 127 -13.71 -8.69 3.05
C SER A 127 -13.75 -9.48 1.75
N THR A 128 -14.49 -8.98 0.77
CA THR A 128 -14.67 -9.64 -0.54
C THR A 128 -15.29 -8.65 -1.55
N ASP A 129 -15.40 -9.08 -2.83
CA ASP A 129 -15.91 -8.25 -3.94
C ASP A 129 -14.98 -7.04 -4.05
N LEU A 130 -13.71 -7.28 -3.77
CA LEU A 130 -12.75 -6.21 -3.75
C LEU A 130 -11.53 -6.62 -4.51
N THR A 131 -11.20 -5.80 -5.50
CA THR A 131 -10.00 -6.04 -6.28
C THR A 131 -9.10 -4.84 -6.24
N PHE A 132 -7.80 -5.09 -6.32
CA PHE A 132 -6.79 -4.00 -6.34
C PHE A 132 -5.88 -4.25 -7.50
N SER A 133 -5.37 -3.16 -8.05
CA SER A 133 -4.40 -3.18 -9.12
C SER A 133 -3.36 -2.10 -8.78
N VAL A 134 -2.10 -2.54 -8.73
CA VAL A 134 -0.92 -1.74 -8.38
C VAL A 134 0.03 -1.59 -9.55
N LYS A 135 0.43 -0.36 -9.80
CA LYS A 135 1.37 -0.07 -10.87
C LYS A 135 2.37 0.91 -10.25
N SER A 136 3.63 0.83 -10.66
CA SER A 136 4.65 1.71 -10.10
C SER A 136 5.69 2.00 -11.13
N SER A 137 6.41 3.13 -10.94
CA SER A 137 7.49 3.58 -11.83
C SER A 137 8.31 4.70 -11.17
N ARG A 138 9.50 4.95 -11.72
CA ARG A 138 10.34 6.04 -11.25
C ARG A 138 10.14 7.17 -12.23
N GLY A 139 9.59 8.29 -11.74
CA GLY A 139 9.28 9.43 -12.58
C GLY A 139 7.93 9.20 -13.25
N GLY A 145 10.38 2.15 -14.56
CA GLY A 145 10.37 0.71 -14.80
C GLY A 145 10.45 -0.07 -13.48
N VAL A 146 9.28 -0.29 -12.88
CA VAL A 146 9.15 -1.01 -11.62
C VAL A 146 8.06 -2.03 -11.82
N THR A 147 8.35 -3.22 -11.33
CA THR A 147 7.48 -4.36 -11.41
C THR A 147 6.99 -4.69 -10.01
N CYS A 148 5.66 -4.80 -9.91
CA CYS A 148 4.97 -5.13 -8.68
C CYS A 148 4.22 -6.42 -8.81
N GLY A 149 4.19 -7.18 -7.70
CA GLY A 149 3.47 -8.45 -7.65
C GLY A 149 2.02 -8.13 -7.40
N ALA A 150 1.21 -9.11 -7.02
CA ALA A 150 -0.21 -8.89 -6.75
C ALA A 150 -0.43 -8.48 -5.30
N ALA A 151 -1.39 -7.58 -5.07
CA ALA A 151 -1.74 -7.16 -3.70
C ALA A 151 -2.42 -8.39 -3.09
N THR A 152 -1.82 -8.85 -1.98
CA THR A 152 -2.24 -10.03 -1.29
C THR A 152 -2.68 -9.70 0.13
N LEU A 153 -3.57 -10.54 0.66
CA LEU A 153 -4.08 -10.38 2.02
C LEU A 153 -2.97 -10.92 2.93
N SER A 154 -2.42 -10.04 3.75
CA SER A 154 -1.29 -10.39 4.60
C SER A 154 -1.54 -10.41 6.10
N ALA A 155 -2.69 -9.88 6.53
CA ALA A 155 -3.05 -9.81 7.94
C ALA A 155 -4.53 -9.51 8.17
N GLU A 156 -5.07 -10.13 9.22
CA GLU A 156 -6.46 -9.95 9.63
C GLU A 156 -6.47 -9.57 11.10
N ARG A 157 -7.08 -8.43 11.44
CA ARG A 157 -7.15 -7.93 12.82
C ARG A 157 -8.56 -7.58 13.27
N VAL A 158 -8.71 -7.41 14.58
CA VAL A 158 -9.99 -7.03 15.20
C VAL A 158 -9.90 -5.63 15.79
N ARG A 159 -10.66 -4.69 15.21
CA ARG A 159 -10.71 -3.29 15.65
C ARG A 159 -12.11 -2.88 16.11
N GLY A 160 -12.35 -3.05 17.41
CA GLY A 160 -13.64 -2.73 18.02
C GLY A 160 -14.69 -3.73 17.57
N ASP A 161 -15.73 -3.23 16.92
CA ASP A 161 -16.84 -4.01 16.40
C ASP A 161 -16.51 -4.62 15.04
N ASN A 162 -15.79 -3.84 14.21
CA ASN A 162 -15.41 -4.26 12.86
C ASN A 162 -14.12 -5.07 12.77
N LYS A 163 -13.87 -5.58 11.57
CA LYS A 163 -12.69 -6.36 11.25
C LYS A 163 -11.81 -5.50 10.34
N GLU A 164 -10.50 -5.67 10.45
CA GLU A 164 -9.55 -4.89 9.64
C GLU A 164 -8.68 -5.83 8.84
N TYR A 165 -8.75 -5.69 7.53
CA TYR A 165 -7.95 -6.53 6.60
C TYR A 165 -6.78 -5.70 6.08
N GLU A 166 -5.58 -6.29 6.14
CA GLU A 166 -4.33 -5.65 5.70
C GLU A 166 -3.82 -6.34 4.47
N TYR A 167 -3.64 -5.54 3.41
CA TYR A 167 -3.12 -5.97 2.13
C TYR A 167 -1.71 -5.42 1.93
N SER A 168 -0.85 -6.22 1.32
CA SER A 168 0.49 -5.75 1.01
C SER A 168 0.92 -6.16 -0.37
N VAL A 169 1.74 -5.31 -0.97
CA VAL A 169 2.29 -5.55 -2.30
C VAL A 169 3.82 -5.37 -2.30
N GLU A 170 4.51 -6.21 -3.05
CA GLU A 170 5.96 -6.10 -3.16
C GLU A 170 6.37 -5.67 -4.56
N CYS A 171 7.20 -4.64 -4.63
CA CYS A 171 7.67 -4.13 -5.91
C CYS A 171 9.17 -4.06 -5.90
N GLN A 172 9.74 -4.10 -7.09
CA GLN A 172 11.17 -4.11 -7.32
C GLN A 172 11.44 -3.23 -8.54
N GLU A 173 12.45 -2.37 -8.39
CA GLU A 173 12.85 -1.49 -9.49
C GLU A 173 13.55 -2.43 -10.47
N ASP A 174 13.14 -2.42 -11.74
CA ASP A 174 13.67 -3.32 -12.78
C ASP A 174 15.16 -3.35 -12.96
N SER A 175 15.76 -2.16 -12.96
CA SER A 175 17.19 -2.01 -13.15
C SER A 175 17.74 -1.07 -12.04
N ALA A 176 17.73 -1.59 -10.83
CA ALA A 176 18.18 -0.85 -9.67
C ALA A 176 19.70 -0.64 -9.67
N CYS A 177 20.12 0.37 -8.92
CA CYS A 177 21.49 0.71 -8.73
C CYS A 177 21.58 1.28 -7.30
N PRO A 178 21.69 0.41 -6.27
CA PRO A 178 21.77 0.72 -4.85
C PRO A 178 22.49 1.96 -4.34
N ALA A 179 23.73 2.15 -4.78
CA ALA A 179 24.58 3.25 -4.34
C ALA A 179 24.38 4.56 -5.03
N ALA A 180 23.67 4.56 -6.14
CA ALA A 180 23.44 5.78 -6.89
C ALA A 180 22.47 6.73 -6.25
N GLU A 181 22.72 8.02 -6.48
CA GLU A 181 21.83 9.08 -6.01
C GLU A 181 20.52 9.01 -6.81
N GLU A 182 19.40 9.21 -6.12
CA GLU A 182 18.09 9.18 -6.74
C GLU A 182 17.76 10.62 -7.08
N SER A 183 17.37 10.89 -8.33
CA SER A 183 17.03 12.25 -8.73
C SER A 183 15.53 12.41 -8.86
N LEU A 184 14.88 11.31 -9.27
CA LEU A 184 13.41 11.21 -9.46
C LEU A 184 12.82 10.21 -8.44
N PRO A 185 11.69 10.57 -7.80
CA PRO A 185 11.07 9.67 -6.81
C PRO A 185 10.27 8.53 -7.40
N ILE A 186 10.10 7.47 -6.61
CA ILE A 186 9.25 6.35 -7.04
C ILE A 186 7.81 6.77 -6.72
N GLU A 187 6.93 6.35 -7.61
CA GLU A 187 5.51 6.66 -7.62
C GLU A 187 4.76 5.32 -7.60
N VAL A 188 3.84 5.16 -6.65
CA VAL A 188 3.00 3.96 -6.55
C VAL A 188 1.58 4.42 -6.83
N MET A 189 0.90 3.69 -7.70
CA MET A 189 -0.49 3.98 -8.08
C MET A 189 -1.32 2.77 -7.84
N VAL A 190 -2.37 2.93 -7.04
CA VAL A 190 -3.28 1.85 -6.74
C VAL A 190 -4.74 2.13 -7.09
N ASP A 191 -5.33 1.21 -7.84
CA ASP A 191 -6.75 1.28 -8.20
C ASP A 191 -7.46 0.34 -7.21
N ALA A 192 -8.60 0.79 -6.70
CA ALA A 192 -9.41 0.01 -5.76
C ALA A 192 -10.85 -0.08 -6.23
N VAL A 193 -11.28 -1.30 -6.46
CA VAL A 193 -12.63 -1.57 -6.90
C VAL A 193 -13.40 -2.47 -5.92
N HIS A 194 -14.45 -1.92 -5.33
CA HIS A 194 -15.33 -2.66 -4.40
C HIS A 194 -16.69 -2.61 -5.07
N LYS A 195 -17.14 -3.77 -5.54
CA LYS A 195 -18.41 -3.92 -6.24
C LYS A 195 -18.43 -3.00 -7.47
N LEU A 196 -19.00 -1.80 -7.33
CA LEU A 196 -19.11 -0.85 -8.45
C LEU A 196 -18.53 0.54 -8.14
N LYS A 197 -17.83 0.62 -7.03
CA LYS A 197 -17.18 1.86 -6.61
C LYS A 197 -15.72 1.82 -7.05
N TYR A 198 -15.30 2.80 -7.84
CA TYR A 198 -13.91 2.91 -8.29
C TYR A 198 -13.20 3.97 -7.47
N GLU A 199 -12.02 3.64 -6.97
CA GLU A 199 -11.21 4.59 -6.22
C GLU A 199 -9.72 4.60 -6.62
N ASN A 200 -9.12 5.75 -6.38
CA ASN A 200 -7.76 6.04 -6.75
C ASN A 200 -6.82 6.39 -5.59
N TYR A 201 -5.62 5.76 -5.54
CA TYR A 201 -4.64 6.07 -4.49
C TYR A 201 -3.22 6.19 -5.00
N THR A 202 -2.46 7.11 -4.40
CA THR A 202 -1.10 7.37 -4.84
C THR A 202 -0.10 7.69 -3.71
N SER A 203 1.17 7.42 -4.00
CA SER A 203 2.27 7.67 -3.06
C SER A 203 3.53 7.91 -3.83
N SER A 204 4.25 8.94 -3.39
CA SER A 204 5.51 9.39 -3.97
C SER A 204 6.59 9.35 -2.90
N PHE A 205 7.76 8.79 -3.23
CA PHE A 205 8.88 8.73 -2.28
C PHE A 205 10.17 8.38 -2.97
N PHE A 206 11.29 8.64 -2.32
CA PHE A 206 12.59 8.20 -2.81
C PHE A 206 12.85 6.97 -1.90
N ILE A 207 13.53 5.92 -2.41
CA ILE A 207 13.86 4.74 -1.59
C ILE A 207 14.56 5.17 -0.28
N ARG A 208 15.55 6.07 -0.38
CA ARG A 208 16.29 6.58 0.79
C ARG A 208 15.43 7.07 1.96
N ASP A 209 14.25 7.61 1.67
CA ASP A 209 13.34 8.12 2.70
C ASP A 209 12.44 7.08 3.37
N ILE A 210 12.07 6.03 2.63
CA ILE A 210 11.24 4.98 3.18
C ILE A 210 12.00 3.81 3.81
N ILE A 211 13.34 3.93 3.87
CA ILE A 211 14.20 2.93 4.48
C ILE A 211 14.06 2.86 5.98
N LYS A 212 13.95 1.63 6.45
CA LYS A 212 13.84 1.28 7.85
C LYS A 212 14.50 -0.11 7.95
N PRO A 213 15.73 -0.18 8.43
CA PRO A 213 16.35 -1.52 8.53
C PRO A 213 15.69 -2.41 9.56
N ASP A 214 15.93 -3.70 9.41
CA ASP A 214 15.48 -4.70 10.36
C ASP A 214 16.33 -4.43 11.61
N PRO A 215 15.87 -4.88 12.80
CA PRO A 215 16.64 -4.65 14.03
C PRO A 215 18.01 -5.31 14.09
N PRO A 216 18.89 -4.84 14.98
CA PRO A 216 20.22 -5.49 15.10
C PRO A 216 19.94 -6.97 15.51
N LYS A 217 20.70 -7.93 14.99
CA LYS A 217 20.49 -9.34 15.36
C LYS A 217 21.54 -9.84 16.35
N ASN A 218 21.36 -11.11 16.80
CA ASN A 218 22.25 -11.81 17.75
C ASN A 218 22.73 -10.95 18.92
N LEU A 219 21.81 -10.25 19.58
CA LEU A 219 22.15 -9.38 20.71
C LEU A 219 22.64 -10.25 21.86
N GLN A 220 23.79 -9.88 22.42
CA GLN A 220 24.45 -10.63 23.50
C GLN A 220 24.83 -9.70 24.64
N LEU A 221 24.87 -10.25 25.84
CA LEU A 221 25.18 -9.52 27.07
C LEU A 221 26.29 -10.31 27.76
N LYS A 222 27.42 -9.64 27.93
CA LYS A 222 28.61 -10.24 28.51
C LYS A 222 29.01 -9.45 29.75
N PRO A 223 28.75 -10.00 30.95
CA PRO A 223 29.13 -9.29 32.19
C PRO A 223 30.64 -9.20 32.30
N LEU A 224 31.08 -8.14 32.97
CA LEU A 224 32.50 -7.87 33.17
C LEU A 224 32.88 -8.00 34.64
N LYS A 225 34.01 -8.67 34.86
CA LYS A 225 34.58 -8.89 36.19
C LYS A 225 35.03 -7.54 36.78
N ASN A 226 34.69 -7.34 38.05
CA ASN A 226 35.04 -6.16 38.83
C ASN A 226 34.53 -4.87 38.19
N SER A 227 33.34 -4.97 37.63
CA SER A 227 32.69 -3.84 36.98
C SER A 227 31.23 -3.92 37.24
N ARG A 228 30.59 -2.75 37.21
CA ARG A 228 29.16 -2.64 37.40
C ARG A 228 28.54 -2.72 36.01
N GLN A 229 29.36 -2.46 35.01
CA GLN A 229 28.94 -2.44 33.63
C GLN A 229 28.98 -3.78 32.92
N VAL A 230 28.17 -3.88 31.87
CA VAL A 230 28.11 -5.06 31.03
C VAL A 230 28.40 -4.65 29.59
N GLU A 231 28.80 -5.60 28.76
CA GLU A 231 29.06 -5.32 27.35
C GLU A 231 27.95 -5.96 26.48
N VAL A 232 27.28 -5.13 25.69
CA VAL A 232 26.29 -5.62 24.77
C VAL A 232 26.93 -5.55 23.38
N SER A 233 26.63 -6.53 22.54
CA SER A 233 27.17 -6.61 21.21
C SER A 233 26.04 -7.16 20.37
N TRP A 234 26.10 -6.88 19.07
CA TRP A 234 25.08 -7.27 18.11
C TRP A 234 25.69 -7.32 16.72
N GLU A 235 24.88 -7.64 15.72
CA GLU A 235 25.36 -7.72 14.35
C GLU A 235 24.36 -6.99 13.46
N TYR A 236 24.82 -6.61 12.27
CA TYR A 236 23.98 -5.99 11.23
C TYR A 236 22.87 -6.98 10.84
N PRO A 237 21.66 -6.49 10.53
CA PRO A 237 20.64 -7.49 10.14
C PRO A 237 20.94 -8.12 8.76
N ASP A 238 20.41 -9.31 8.51
CA ASP A 238 20.66 -10.04 7.25
C ASP A 238 20.17 -9.38 5.99
N THR A 239 19.00 -8.72 6.09
CA THR A 239 18.38 -8.04 4.97
C THR A 239 19.02 -6.70 4.64
N TRP A 240 19.91 -6.21 5.51
CA TRP A 240 20.55 -4.94 5.22
C TRP A 240 21.51 -5.08 4.02
N SER A 241 21.73 -3.93 3.37
CA SER A 241 22.53 -3.81 2.16
C SER A 241 24.01 -4.13 2.34
N THR A 242 24.50 -4.87 1.34
CA THR A 242 25.90 -5.29 1.28
C THR A 242 26.71 -4.47 0.26
N PRO A 243 27.99 -4.14 0.59
CA PRO A 243 28.72 -4.46 1.81
C PRO A 243 28.51 -3.40 2.88
N HIS A 244 28.68 -3.81 4.12
CA HIS A 244 28.54 -2.93 5.28
C HIS A 244 29.51 -1.76 5.26
N SER A 245 30.68 -1.95 4.63
CA SER A 245 31.72 -0.90 4.55
C SER A 245 31.23 0.36 3.82
N TYR A 246 30.41 0.15 2.79
CA TYR A 246 29.80 1.23 2.01
C TYR A 246 28.48 1.58 2.70
N PHE A 247 27.56 0.63 2.80
CA PHE A 247 26.27 0.85 3.50
C PHE A 247 26.36 0.57 5.00
N SER A 248 26.90 1.51 5.77
CA SER A 248 27.01 1.25 7.18
C SER A 248 25.84 1.73 7.98
N LEU A 249 25.80 1.24 9.20
CA LEU A 249 24.73 1.58 10.10
C LEU A 249 25.29 2.29 11.32
N THR A 250 24.41 3.02 12.01
CA THR A 250 24.78 3.68 13.25
C THR A 250 23.74 3.13 14.21
N PHE A 251 24.08 3.12 15.48
CA PHE A 251 23.19 2.53 16.46
C PHE A 251 22.93 3.42 17.63
N CYS A 252 21.76 3.15 18.20
CA CYS A 252 21.47 3.77 19.55
C CYS A 252 21.09 2.75 20.65
N VAL A 253 21.78 2.82 21.78
CA VAL A 253 21.63 1.83 23.12
C VAL A 253 20.92 2.61 24.22
N GLN A 254 19.92 1.95 24.81
CA GLN A 254 19.11 2.50 25.88
C GLN A 254 18.82 1.43 26.92
N VAL A 255 18.79 1.84 28.19
CA VAL A 255 18.48 0.92 29.29
C VAL A 255 17.00 1.21 29.68
N GLN A 256 16.10 0.30 29.30
CA GLN A 256 14.66 0.43 29.55
C GLN A 256 14.27 -0.19 30.91
N GLY A 257 14.02 0.66 31.90
CA GLY A 257 13.66 0.18 33.23
C GLY A 257 12.17 0.20 33.54
N LYS A 258 11.84 0.34 34.83
CA LYS A 258 10.45 0.39 35.26
C LYS A 258 9.95 1.81 35.05
N SER A 259 10.84 2.78 35.25
CA SER A 259 10.55 4.20 35.08
C SER A 259 10.35 4.51 33.61
N LYS A 260 9.52 5.52 33.34
CA LYS A 260 9.22 5.93 31.97
C LYS A 260 9.27 7.44 31.81
N ARG A 261 9.88 8.13 32.77
CA ARG A 261 10.01 9.58 32.76
C ARG A 261 11.12 10.05 31.80
N ARG A 266 20.46 7.00 26.80
CA ARG A 266 20.67 7.12 25.36
C ARG A 266 22.12 7.29 24.96
N VAL A 267 22.68 6.26 24.30
CA VAL A 267 24.06 6.25 23.81
C VAL A 267 24.07 5.97 22.30
N PHE A 268 24.79 6.79 21.54
CA PHE A 268 24.93 6.69 20.09
C PHE A 268 26.30 6.14 19.74
N THR A 269 26.36 5.15 18.82
CA THR A 269 27.62 4.53 18.39
C THR A 269 27.56 3.89 16.98
N ASP A 270 28.69 3.91 16.27
CA ASP A 270 28.81 3.30 14.93
C ASP A 270 29.31 1.86 15.04
N LYS A 271 29.72 1.46 16.26
CA LYS A 271 30.24 0.12 16.56
C LYS A 271 29.16 -0.95 16.76
N THR A 272 29.58 -2.22 16.76
CA THR A 272 28.65 -3.31 16.99
C THR A 272 28.65 -3.74 18.47
N SER A 273 29.23 -2.89 19.33
CA SER A 273 29.26 -3.15 20.78
C SER A 273 29.19 -1.84 21.56
N ALA A 274 28.85 -1.94 22.85
CA ALA A 274 28.76 -0.81 23.77
C ALA A 274 28.82 -1.30 25.21
N THR A 275 29.29 -0.43 26.10
CA THR A 275 29.40 -0.76 27.52
C THR A 275 28.32 0.05 28.23
N VAL A 276 27.48 -0.64 29.00
CA VAL A 276 26.38 0.03 29.69
C VAL A 276 26.20 -0.51 31.11
N ILE A 277 25.37 0.18 31.90
CA ILE A 277 25.05 -0.25 33.28
C ILE A 277 23.68 -0.95 33.28
N CYS A 278 23.67 -2.20 33.71
CA CYS A 278 22.44 -2.98 33.84
C CYS A 278 21.97 -2.70 35.26
N ARG A 279 20.68 -2.91 35.50
CA ARG A 279 20.04 -2.71 36.80
C ARG A 279 18.91 -3.71 36.79
N LYS A 280 18.54 -4.20 37.98
CA LYS A 280 17.44 -5.15 38.16
C LYS A 280 16.14 -4.60 37.51
N ASN A 281 15.40 -5.49 36.85
CA ASN A 281 14.15 -5.22 36.13
C ASN A 281 14.26 -4.37 34.85
N ALA A 282 15.49 -4.01 34.48
CA ALA A 282 15.75 -3.23 33.28
C ALA A 282 16.16 -4.11 32.06
N SER A 283 15.97 -3.56 30.87
CA SER A 283 16.37 -4.25 29.63
C SER A 283 17.29 -3.34 28.84
N ILE A 284 18.23 -3.93 28.10
CA ILE A 284 19.13 -3.13 27.24
C ILE A 284 18.48 -3.17 25.86
N SER A 285 18.32 -2.01 25.23
CA SER A 285 17.71 -1.98 23.90
C SER A 285 18.58 -1.27 22.86
N VAL A 286 18.59 -1.79 21.63
CA VAL A 286 19.42 -1.27 20.53
C VAL A 286 18.64 -1.13 19.20
N ARG A 287 18.78 0.01 18.56
CA ARG A 287 18.13 0.34 17.27
C ARG A 287 19.22 0.69 16.25
N ALA A 288 18.83 0.69 14.97
CA ALA A 288 19.72 0.99 13.84
C ALA A 288 19.12 1.95 12.84
N GLN A 289 20.02 2.74 12.27
CA GLN A 289 19.69 3.72 11.28
C GLN A 289 20.82 3.72 10.28
N ASP A 290 20.47 3.99 9.02
CA ASP A 290 21.43 4.19 7.93
C ASP A 290 22.37 5.28 8.46
N ARG A 291 23.66 4.95 8.57
CA ARG A 291 24.68 5.88 9.07
C ARG A 291 24.75 7.23 8.36
N TYR A 292 24.55 7.17 7.04
CA TYR A 292 24.68 8.32 6.16
C TYR A 292 23.41 9.04 5.74
N TYR A 293 22.25 8.51 6.10
CA TYR A 293 20.98 9.17 5.77
C TYR A 293 20.01 9.04 6.93
N SER A 294 19.48 10.15 7.40
CA SER A 294 18.56 10.13 8.53
C SER A 294 17.14 9.59 8.28
N SER A 295 17.05 8.31 7.93
CA SER A 295 15.74 7.70 7.69
C SER A 295 15.22 7.09 8.97
N SER A 296 14.30 6.16 8.86
CA SER A 296 13.71 5.53 10.03
C SER A 296 14.62 4.64 10.81
N TRP A 297 14.46 4.74 12.13
CA TRP A 297 15.14 3.91 13.08
C TRP A 297 14.38 2.57 13.05
N SER A 298 15.14 1.49 13.12
CA SER A 298 14.58 0.15 13.14
C SER A 298 13.77 -0.06 14.44
N GLU A 299 13.09 -1.19 14.54
CA GLU A 299 12.38 -1.60 15.73
C GLU A 299 13.50 -2.00 16.74
N TRP A 300 13.19 -1.92 18.03
CA TRP A 300 14.15 -2.33 19.05
C TRP A 300 14.48 -3.83 19.07
N ALA A 301 15.75 -4.11 19.42
CA ALA A 301 16.20 -5.48 19.63
C ALA A 301 16.53 -5.36 21.13
N SER A 302 16.03 -6.27 21.94
CA SER A 302 16.30 -6.16 23.38
C SER A 302 16.90 -7.39 24.02
N VAL A 303 17.64 -7.10 25.09
CA VAL A 303 18.24 -8.15 25.91
C VAL A 303 17.97 -7.73 27.35
N PRO A 304 17.49 -8.67 28.22
CA PRO A 304 17.21 -8.26 29.60
C PRO A 304 18.39 -8.29 30.55
N CYS A 305 18.31 -7.50 31.62
CA CYS A 305 19.35 -7.47 32.64
C CYS A 305 19.05 -8.49 33.74
N SER A 306 17.82 -9.00 33.77
CA SER A 306 17.38 -9.98 34.76
C SER A 306 16.04 -10.55 34.31
#